data_8CK3
#
_entry.id   8CK3
#
_cell.length_a   72.671
_cell.length_b   83.594
_cell.length_c   40.935
_cell.angle_alpha   90
_cell.angle_beta   106.86
_cell.angle_gamma   90
#
_symmetry.space_group_name_H-M   'C 1 2 1'
#
loop_
_entity.id
_entity.type
_entity.pdbx_description
1 polymer 'Endothelial PAS domain-containing protein 1'
2 polymer 'Aryl hydrocarbon receptor nuclear translocator'
3 non-polymer (4~{S})-1-[3,5-bis(fluoranyl)phenyl]-5,5-bis(fluoranyl)-3-methylsulfonyl-4,6-dihydrocyclopenta[c]thiophen-4-ol
4 non-polymer 'DIMETHYL SULFOXIDE'
5 water water
#
loop_
_entity_poly.entity_id
_entity_poly.type
_entity_poly.pdbx_seq_one_letter_code
_entity_poly.pdbx_strand_id
1 'polypeptide(L)'
;GEFKGLDSKTFLSEHSMDMKFTYCDDRITELIGYHPEELLGRSAYEFYHALDSENMTKSHQNLCTKGQVVSGQYRMLAKH
GGYVWLETQGTVIYNPRNLQPQCIMCVNYVLSEIEKNG
;
A
2 'polypeptide(L)'
;GEFKGLNVCQPTRFISRHNIEGIFTFVDHRCVATVGYQPQELLGKNIVEFCHPEDQQLLRDSFQQVVKLKGQVLSVMFRF
RSKNQEWLWMRTSSFTFQNPYSDEIEYIICTNTNVKNSSQEG
;
B
#
# COMPACT_ATOMS: atom_id res chain seq x y z
N GLU A 2 26.11 11.77 -0.08
CA GLU A 2 24.94 11.63 -0.97
C GLU A 2 23.67 11.46 -0.17
N PHE A 3 22.56 11.92 -0.72
CA PHE A 3 21.27 11.84 -0.06
C PHE A 3 20.31 10.97 -0.88
N LYS A 4 19.33 10.35 -0.22
CA LYS A 4 18.38 9.48 -0.89
C LYS A 4 17.37 10.23 -1.74
N GLY A 5 16.95 9.59 -2.82
CA GLY A 5 15.89 10.11 -3.67
C GLY A 5 14.50 9.82 -3.10
N LEU A 6 13.47 10.31 -3.79
CA LEU A 6 12.07 10.18 -3.42
C LEU A 6 11.65 8.71 -3.26
N ASP A 7 11.84 7.87 -4.30
CA ASP A 7 11.47 6.45 -4.18
C ASP A 7 12.08 5.73 -2.97
N SER A 8 13.39 5.88 -2.75
N SER A 8 13.40 5.91 -2.75
CA SER A 8 14.08 5.24 -1.62
CA SER A 8 14.13 5.31 -1.62
C SER A 8 13.62 5.79 -0.25
C SER A 8 13.69 5.84 -0.26
N LYS A 9 13.01 6.99 -0.22
CA LYS A 9 12.49 7.55 1.00
C LYS A 9 10.98 7.26 1.15
N THR A 10 10.42 6.31 0.37
CA THR A 10 9.02 5.99 0.44
C THR A 10 8.78 4.60 1.05
N PHE A 11 7.89 4.49 2.04
CA PHE A 11 7.57 3.19 2.60
C PHE A 11 6.05 3.04 2.72
N LEU A 12 5.58 1.81 2.56
CA LEU A 12 4.16 1.54 2.68
C LEU A 12 3.85 1.03 4.12
N SER A 13 2.72 1.43 4.65
CA SER A 13 2.23 0.92 5.90
C SER A 13 0.72 0.61 5.78
N GLU A 14 0.25 -0.32 6.56
CA GLU A 14 -1.15 -0.70 6.59
C GLU A 14 -1.63 -0.54 8.04
N HIS A 15 -2.86 -0.08 8.22
CA HIS A 15 -3.41 0.19 9.53
C HIS A 15 -4.84 -0.30 9.68
N SER A 16 -5.22 -0.69 10.90
CA SER A 16 -6.61 -0.94 11.21
C SER A 16 -7.25 0.47 11.36
N MET A 17 -8.61 0.55 11.46
CA MET A 17 -9.31 1.83 11.51
C MET A 17 -8.99 2.68 12.74
N ASP A 18 -8.43 2.07 13.81
CA ASP A 18 -7.97 2.82 14.99
C ASP A 18 -6.53 3.35 14.83
N MET A 19 -5.92 3.28 13.60
CA MET A 19 -4.55 3.77 13.35
C MET A 19 -3.46 2.79 13.75
N LYS A 20 -3.80 1.61 14.35
CA LYS A 20 -2.75 0.67 14.73
C LYS A 20 -2.09 0.11 13.47
N PHE A 21 -0.78 -0.12 13.51
CA PHE A 21 -0.10 -0.78 12.42
C PHE A 21 -0.46 -2.27 12.38
N THR A 22 -0.82 -2.74 11.19
CA THR A 22 -1.06 -4.15 10.90
C THR A 22 0.01 -4.67 9.92
N TYR A 23 0.74 -3.75 9.25
CA TYR A 23 1.81 -4.07 8.34
C TYR A 23 2.70 -2.83 8.16
N CYS A 24 4.00 -3.05 7.97
CA CYS A 24 4.90 -1.97 7.64
C CYS A 24 6.04 -2.49 6.78
N ASP A 25 6.35 -1.77 5.72
CA ASP A 25 7.40 -2.13 4.80
C ASP A 25 8.78 -2.01 5.50
N ASP A 26 9.70 -2.95 5.23
CA ASP A 26 11.08 -2.98 5.77
C ASP A 26 11.88 -1.70 5.51
N ARG A 27 11.49 -0.92 4.50
CA ARG A 27 12.17 0.33 4.17
C ARG A 27 12.14 1.34 5.31
N ILE A 28 11.17 1.20 6.26
CA ILE A 28 11.06 2.10 7.40
C ILE A 28 12.30 2.05 8.27
N THR A 29 12.97 0.89 8.35
CA THR A 29 14.15 0.68 9.17
C THR A 29 15.30 1.59 8.80
N GLU A 30 15.67 1.66 7.53
CA GLU A 30 16.77 2.52 7.10
C GLU A 30 16.41 4.02 7.06
N LEU A 31 15.14 4.36 7.26
CA LEU A 31 14.70 5.76 7.23
C LEU A 31 14.42 6.33 8.61
N ILE A 32 13.74 5.55 9.48
CA ILE A 32 13.25 5.95 10.81
C ILE A 32 13.80 5.07 11.98
N GLY A 33 14.53 4.00 11.65
CA GLY A 33 15.09 3.13 12.67
C GLY A 33 14.23 1.97 13.14
N TYR A 34 12.89 2.08 13.05
CA TYR A 34 12.02 0.99 13.49
C TYR A 34 12.05 -0.26 12.67
N HIS A 35 11.95 -1.40 13.33
CA HIS A 35 11.78 -2.67 12.66
C HIS A 35 10.26 -2.85 12.57
N PRO A 36 9.72 -3.28 11.42
CA PRO A 36 8.26 -3.41 11.31
C PRO A 36 7.55 -4.15 12.46
N GLU A 37 8.16 -5.24 12.94
CA GLU A 37 7.59 -6.06 14.01
C GLU A 37 7.35 -5.31 15.33
N GLU A 38 8.21 -4.36 15.68
CA GLU A 38 8.02 -3.58 16.91
C GLU A 38 6.93 -2.47 16.74
N LEU A 39 6.46 -2.25 15.49
CA LEU A 39 5.40 -1.27 15.25
C LEU A 39 4.02 -1.93 15.30
N LEU A 40 3.92 -3.25 14.97
CA LEU A 40 2.62 -3.93 14.96
C LEU A 40 1.85 -3.81 16.25
N GLY A 41 0.58 -3.49 16.14
CA GLY A 41 -0.26 -3.32 17.32
C GLY A 41 -0.14 -1.96 17.98
N ARG A 42 0.77 -1.10 17.50
CA ARG A 42 0.95 0.21 18.06
C ARG A 42 0.22 1.23 17.23
N SER A 43 -0.41 2.18 17.91
CA SER A 43 -1.13 3.25 17.24
C SER A 43 -0.13 4.17 16.62
N ALA A 44 -0.43 4.63 15.39
CA ALA A 44 0.41 5.64 14.71
C ALA A 44 0.51 6.92 15.53
N TYR A 45 -0.54 7.24 16.28
CA TYR A 45 -0.63 8.41 17.12
C TYR A 45 0.48 8.47 18.17
N GLU A 46 0.95 7.31 18.67
CA GLU A 46 2.06 7.27 19.61
C GLU A 46 3.36 7.88 19.04
N PHE A 47 3.50 7.97 17.71
CA PHE A 47 4.68 8.46 17.04
C PHE A 47 4.58 9.91 16.58
N TYR A 48 3.37 10.51 16.52
CA TYR A 48 3.25 11.91 16.08
C TYR A 48 3.84 12.87 17.08
N HIS A 49 4.54 13.90 16.58
CA HIS A 49 5.01 15.01 17.44
C HIS A 49 3.76 15.70 17.99
N ALA A 50 3.71 16.04 19.29
CA ALA A 50 2.53 16.64 19.91
C ALA A 50 1.96 17.85 19.13
N LEU A 51 2.83 18.65 18.50
CA LEU A 51 2.39 19.82 17.74
C LEU A 51 1.67 19.48 16.42
N ASP A 52 1.75 18.22 15.97
CA ASP A 52 1.03 17.74 14.77
C ASP A 52 -0.17 16.86 15.09
N SER A 53 -0.35 16.47 16.37
CA SER A 53 -1.41 15.56 16.74
C SER A 53 -2.81 16.05 16.33
N GLU A 54 -3.16 17.32 16.61
CA GLU A 54 -4.48 17.82 16.20
C GLU A 54 -4.66 17.77 14.67
N ASN A 55 -3.67 18.25 13.91
CA ASN A 55 -3.74 18.19 12.44
C ASN A 55 -3.93 16.73 11.94
N MET A 56 -3.24 15.76 12.58
CA MET A 56 -3.37 14.35 12.21
C MET A 56 -4.72 13.76 12.58
N THR A 57 -5.35 14.26 13.67
CA THR A 57 -6.69 13.83 14.07
C THR A 57 -7.66 14.25 12.96
N LYS A 58 -7.60 15.54 12.55
CA LYS A 58 -8.43 16.06 11.45
C LYS A 58 -8.17 15.31 10.12
N SER A 59 -6.90 15.00 9.79
CA SER A 59 -6.59 14.26 8.56
C SER A 59 -7.18 12.84 8.59
N HIS A 60 -7.19 12.21 9.77
CA HIS A 60 -7.80 10.89 9.96
C HIS A 60 -9.32 10.99 9.80
N GLN A 61 -9.95 12.03 10.39
CA GLN A 61 -11.39 12.23 10.26
C GLN A 61 -11.80 12.42 8.82
N ASN A 62 -11.04 13.23 8.04
CA ASN A 62 -11.28 13.46 6.61
C ASN A 62 -11.11 12.17 5.81
N LEU A 63 -10.11 11.37 6.15
CA LEU A 63 -9.83 10.10 5.50
C LEU A 63 -11.00 9.14 5.72
N CYS A 64 -11.57 9.12 6.94
CA CYS A 64 -12.67 8.22 7.26
C CYS A 64 -13.97 8.61 6.59
N THR A 65 -14.15 9.91 6.23
CA THR A 65 -15.38 10.34 5.55
C THR A 65 -15.24 10.36 4.04
N LYS A 66 -14.06 10.72 3.51
CA LYS A 66 -13.81 10.82 2.06
C LYS A 66 -13.20 9.55 1.43
N GLY A 67 -12.62 8.67 2.25
CA GLY A 67 -12.02 7.44 1.75
C GLY A 67 -10.55 7.56 1.38
N GLN A 68 -10.07 8.78 1.13
CA GLN A 68 -8.67 9.01 0.78
C GLN A 68 -8.27 10.41 1.25
N VAL A 69 -7.02 10.56 1.67
CA VAL A 69 -6.53 11.87 2.12
C VAL A 69 -5.04 12.00 1.88
N VAL A 70 -4.62 13.25 1.74
CA VAL A 70 -3.22 13.60 1.68
C VAL A 70 -3.02 14.35 2.99
N SER A 71 -2.10 13.87 3.82
CA SER A 71 -1.81 14.57 5.06
C SER A 71 -1.01 15.84 4.72
N GLY A 72 -0.94 16.73 5.69
CA GLY A 72 -0.04 17.88 5.55
C GLY A 72 1.33 17.35 5.94
N GLN A 73 2.32 18.25 6.01
CA GLN A 73 3.64 17.88 6.51
C GLN A 73 3.46 17.59 8.02
N TYR A 74 4.10 16.53 8.52
CA TYR A 74 4.00 16.17 9.93
C TYR A 74 5.30 15.49 10.39
N ARG A 75 5.49 15.42 11.71
CA ARG A 75 6.69 14.83 12.26
C ARG A 75 6.38 13.50 12.90
N MET A 76 7.25 12.53 12.64
CA MET A 76 7.15 11.20 13.23
C MET A 76 8.43 10.98 14.04
N LEU A 77 8.29 10.51 15.29
CA LEU A 77 9.41 10.26 16.20
C LEU A 77 10.26 9.12 15.66
N ALA A 78 11.57 9.33 15.52
CA ALA A 78 12.45 8.27 15.02
C ALA A 78 12.93 7.43 16.19
N LYS A 79 13.27 6.18 15.93
CA LYS A 79 13.65 5.22 16.96
C LYS A 79 14.65 5.72 17.99
N HIS A 80 15.76 6.32 17.57
CA HIS A 80 16.79 6.76 18.52
C HIS A 80 16.75 8.26 18.78
N GLY A 81 15.54 8.80 18.89
CA GLY A 81 15.35 10.20 19.19
C GLY A 81 15.28 11.05 17.94
N GLY A 82 14.72 12.25 18.08
CA GLY A 82 14.56 13.14 16.96
C GLY A 82 13.28 12.85 16.20
N TYR A 83 12.90 13.78 15.34
CA TYR A 83 11.69 13.66 14.56
C TYR A 83 12.04 13.85 13.08
N VAL A 84 11.42 13.06 12.24
CA VAL A 84 11.60 13.14 10.81
C VAL A 84 10.31 13.69 10.21
N TRP A 85 10.42 14.56 9.20
CA TRP A 85 9.24 15.12 8.55
C TRP A 85 8.74 14.15 7.48
N LEU A 86 7.43 13.93 7.40
CA LEU A 86 6.82 13.04 6.43
C LEU A 86 5.59 13.71 5.83
N GLU A 87 5.10 13.10 4.76
CA GLU A 87 3.84 13.37 4.12
C GLU A 87 3.28 11.98 3.74
N THR A 88 2.00 11.72 4.00
CA THR A 88 1.39 10.44 3.68
C THR A 88 0.15 10.61 2.82
N GLN A 89 -0.06 9.69 1.89
CA GLN A 89 -1.30 9.56 1.15
C GLN A 89 -1.96 8.30 1.74
N GLY A 90 -3.06 8.48 2.48
CA GLY A 90 -3.79 7.37 3.07
C GLY A 90 -5.01 7.04 2.24
N THR A 91 -5.35 5.77 2.16
CA THR A 91 -6.51 5.31 1.40
C THR A 91 -7.22 4.25 2.19
N VAL A 92 -8.56 4.33 2.32
CA VAL A 92 -9.31 3.32 3.01
C VAL A 92 -9.70 2.24 2.05
N ILE A 93 -9.45 0.98 2.42
CA ILE A 93 -9.85 -0.18 1.65
C ILE A 93 -11.13 -0.64 2.33
N TYR A 94 -12.25 -0.50 1.61
CA TYR A 94 -13.59 -0.84 2.06
C TYR A 94 -14.02 -2.16 1.42
N ASN A 95 -15.02 -2.83 2.02
CA ASN A 95 -15.60 -4.00 1.38
C ASN A 95 -16.72 -3.44 0.53
N PRO A 96 -16.64 -3.55 -0.82
CA PRO A 96 -17.71 -3.00 -1.67
C PRO A 96 -19.06 -3.69 -1.53
N GLN A 100 -18.01 -1.08 4.26
CA GLN A 100 -17.49 -1.38 5.60
C GLN A 100 -15.96 -1.32 5.56
N PRO A 101 -15.33 -0.50 6.42
CA PRO A 101 -13.87 -0.37 6.37
C PRO A 101 -13.14 -1.63 6.83
N GLN A 102 -12.15 -2.05 6.06
CA GLN A 102 -11.33 -3.23 6.36
C GLN A 102 -9.94 -2.79 6.91
N CYS A 103 -9.38 -1.75 6.30
CA CYS A 103 -8.09 -1.24 6.69
C CYS A 103 -7.76 0.07 5.96
N ILE A 104 -6.64 0.68 6.31
CA ILE A 104 -6.11 1.90 5.71
C ILE A 104 -4.73 1.59 5.13
N MET A 105 -4.49 1.96 3.87
CA MET A 105 -3.21 1.78 3.20
C MET A 105 -2.53 3.13 3.16
N CYS A 106 -1.30 3.22 3.66
CA CYS A 106 -0.57 4.47 3.67
C CYS A 106 0.64 4.39 2.75
N VAL A 107 0.87 5.44 1.98
CA VAL A 107 2.10 5.55 1.20
C VAL A 107 2.79 6.70 1.87
N ASN A 108 3.91 6.44 2.55
CA ASN A 108 4.58 7.41 3.40
C ASN A 108 5.86 7.89 2.76
N TYR A 109 6.04 9.21 2.66
N TYR A 109 6.06 9.20 2.65
CA TYR A 109 7.22 9.79 2.03
CA TYR A 109 7.27 9.72 2.03
C TYR A 109 7.98 10.64 3.04
C TYR A 109 8.00 10.66 2.96
N VAL A 110 9.25 10.34 3.25
CA VAL A 110 10.10 11.09 4.17
C VAL A 110 10.62 12.36 3.46
N LEU A 111 10.22 13.49 3.97
CA LEU A 111 10.58 14.83 3.47
C LEU A 111 11.97 15.24 3.89
N SER A 112 12.38 14.84 5.10
CA SER A 112 13.69 15.17 5.61
C SER A 112 14.80 14.59 4.74
N GLU A 113 15.96 15.22 4.80
CA GLU A 113 17.16 14.77 4.11
C GLU A 113 17.62 13.48 4.80
N ILE A 114 17.78 12.39 4.04
CA ILE A 114 18.25 11.13 4.60
C ILE A 114 19.47 10.74 3.79
N GLU A 115 20.60 10.51 4.44
CA GLU A 115 21.83 10.16 3.75
C GLU A 115 21.80 8.75 3.15
N LYS A 116 22.61 8.53 2.10
CA LYS A 116 22.84 7.30 1.35
C LYS A 116 21.96 7.22 0.09
N THR B 12 -5.03 -13.01 5.86
CA THR B 12 -6.14 -12.95 4.91
C THR B 12 -5.82 -12.11 3.65
N ARG B 13 -4.81 -11.22 3.73
CA ARG B 13 -4.52 -10.35 2.61
C ARG B 13 -3.04 -9.96 2.53
N PHE B 14 -2.63 -9.43 1.37
CA PHE B 14 -1.28 -8.98 1.20
C PHE B 14 -1.25 -7.79 0.27
N ILE B 15 -0.25 -6.99 0.45
CA ILE B 15 -0.05 -5.83 -0.41
C ILE B 15 0.91 -6.19 -1.54
N SER B 16 0.67 -5.62 -2.71
CA SER B 16 1.63 -5.71 -3.79
C SER B 16 1.72 -4.35 -4.49
N ARG B 17 2.82 -4.09 -5.17
CA ARG B 17 3.03 -2.88 -5.95
C ARG B 17 3.31 -3.37 -7.36
N HIS B 18 2.78 -2.69 -8.36
CA HIS B 18 2.96 -3.11 -9.75
C HIS B 18 3.35 -1.96 -10.61
N ASN B 19 4.03 -2.25 -11.72
CA ASN B 19 4.22 -1.21 -12.70
C ASN B 19 2.89 -1.15 -13.49
N ILE B 20 2.71 -0.15 -14.38
CA ILE B 20 1.45 -0.02 -15.10
C ILE B 20 1.18 -1.23 -16.01
N GLU B 21 2.22 -2.01 -16.38
CA GLU B 21 2.01 -3.21 -17.19
C GLU B 21 1.47 -4.40 -16.38
N GLY B 22 1.55 -4.35 -15.06
CA GLY B 22 1.07 -5.44 -14.21
C GLY B 22 2.15 -6.26 -13.52
N ILE B 23 3.42 -5.93 -13.76
CA ILE B 23 4.53 -6.67 -13.14
C ILE B 23 4.60 -6.41 -11.62
N PHE B 24 4.74 -7.48 -10.81
CA PHE B 24 4.94 -7.33 -9.39
C PHE B 24 6.33 -6.70 -9.16
N THR B 25 6.39 -5.52 -8.53
CA THR B 25 7.67 -4.86 -8.21
C THR B 25 7.93 -4.85 -6.69
N PHE B 26 6.91 -5.19 -5.88
CA PHE B 26 6.94 -5.32 -4.43
C PHE B 26 5.83 -6.31 -4.03
N VAL B 27 6.11 -7.25 -3.14
CA VAL B 27 5.11 -8.20 -2.66
C VAL B 27 5.33 -8.42 -1.16
N ASP B 28 4.31 -8.18 -0.33
CA ASP B 28 4.46 -8.36 1.10
C ASP B 28 4.37 -9.87 1.43
N HIS B 29 5.16 -10.32 2.41
CA HIS B 29 5.31 -11.73 2.84
C HIS B 29 3.98 -12.43 3.24
N ARG B 30 2.89 -11.65 3.47
CA ARG B 30 1.58 -12.27 3.77
C ARG B 30 0.99 -13.02 2.55
N CYS B 31 1.62 -12.87 1.35
CA CYS B 31 1.28 -13.57 0.12
C CYS B 31 1.41 -15.09 0.30
N VAL B 32 2.35 -15.56 1.15
CA VAL B 32 2.48 -17.00 1.38
C VAL B 32 1.19 -17.60 1.96
N ALA B 33 0.61 -16.96 3.00
CA ALA B 33 -0.61 -17.49 3.60
C ALA B 33 -1.82 -17.36 2.63
N THR B 34 -1.86 -16.26 1.86
CA THR B 34 -2.96 -15.97 0.94
C THR B 34 -2.94 -16.81 -0.35
N VAL B 35 -1.81 -16.84 -1.09
CA VAL B 35 -1.77 -17.56 -2.37
C VAL B 35 -0.71 -18.64 -2.45
N GLY B 36 0.00 -18.90 -1.35
CA GLY B 36 0.99 -19.98 -1.32
C GLY B 36 2.38 -19.67 -1.82
N TYR B 37 2.53 -18.64 -2.63
CA TYR B 37 3.81 -18.31 -3.22
C TYR B 37 4.66 -17.47 -2.29
N GLN B 38 5.98 -17.64 -2.40
CA GLN B 38 6.91 -16.76 -1.70
C GLN B 38 6.98 -15.44 -2.52
N PRO B 39 7.29 -14.29 -1.89
CA PRO B 39 7.42 -13.04 -2.66
C PRO B 39 8.38 -13.15 -3.85
N GLN B 40 9.51 -13.86 -3.66
CA GLN B 40 10.52 -14.06 -4.71
C GLN B 40 9.97 -14.89 -5.90
N GLU B 41 8.92 -15.69 -5.69
CA GLU B 41 8.24 -16.41 -6.78
C GLU B 41 7.26 -15.49 -7.56
N LEU B 42 6.85 -14.34 -6.99
CA LEU B 42 5.93 -13.41 -7.66
C LEU B 42 6.67 -12.22 -8.34
N LEU B 43 7.71 -11.71 -7.70
CA LEU B 43 8.47 -10.57 -8.22
C LEU B 43 8.95 -10.72 -9.65
N GLY B 44 8.73 -9.68 -10.47
CA GLY B 44 9.15 -9.72 -11.87
C GLY B 44 8.16 -10.40 -12.79
N LYS B 45 7.18 -11.11 -12.23
CA LYS B 45 6.14 -11.74 -13.02
C LYS B 45 4.93 -10.79 -13.11
N ASN B 46 4.08 -11.01 -14.12
CA ASN B 46 2.91 -10.18 -14.29
C ASN B 46 1.75 -10.83 -13.51
N ILE B 47 0.88 -10.00 -12.89
CA ILE B 47 -0.30 -10.52 -12.19
C ILE B 47 -1.18 -11.32 -13.14
N VAL B 48 -1.29 -10.90 -14.41
CA VAL B 48 -2.12 -11.63 -15.37
C VAL B 48 -1.62 -13.08 -15.62
N GLU B 49 -0.34 -13.37 -15.35
CA GLU B 49 0.19 -14.73 -15.48
C GLU B 49 -0.38 -15.70 -14.43
N PHE B 50 -0.92 -15.18 -13.34
CA PHE B 50 -1.57 -16.02 -12.30
C PHE B 50 -3.10 -15.98 -12.43
N CYS B 51 -3.63 -15.27 -13.43
CA CYS B 51 -5.06 -15.03 -13.55
C CYS B 51 -5.77 -16.05 -14.48
N HIS B 52 -6.99 -16.48 -14.10
CA HIS B 52 -7.83 -17.42 -14.88
C HIS B 52 -8.08 -16.81 -16.26
N PRO B 53 -7.94 -17.61 -17.35
CA PRO B 53 -8.14 -17.08 -18.70
C PRO B 53 -9.43 -16.30 -18.91
N GLU B 54 -10.53 -16.63 -18.20
CA GLU B 54 -11.78 -15.87 -18.37
C GLU B 54 -11.71 -14.45 -17.77
N ASP B 55 -10.83 -14.24 -16.76
CA ASP B 55 -10.67 -12.99 -16.05
C ASP B 55 -9.47 -12.13 -16.51
N GLN B 56 -8.58 -12.67 -17.41
CA GLN B 56 -7.39 -11.93 -17.82
C GLN B 56 -7.70 -10.57 -18.47
N GLN B 57 -8.64 -10.54 -19.39
CA GLN B 57 -8.96 -9.28 -20.06
C GLN B 57 -9.56 -8.26 -19.05
N LEU B 58 -10.42 -8.72 -18.11
CA LEU B 58 -10.98 -7.84 -17.07
C LEU B 58 -9.84 -7.24 -16.22
N LEU B 59 -8.85 -8.07 -15.82
CA LEU B 59 -7.71 -7.63 -15.01
C LEU B 59 -6.81 -6.62 -15.77
N ARG B 60 -6.59 -6.86 -17.08
N ARG B 60 -6.59 -6.85 -17.08
CA ARG B 60 -5.82 -5.94 -17.90
CA ARG B 60 -5.82 -5.91 -17.90
C ARG B 60 -6.60 -4.63 -18.05
C ARG B 60 -6.57 -4.58 -18.00
N ASP B 61 -7.94 -4.69 -18.31
N ASP B 61 -7.88 -4.63 -18.32
CA ASP B 61 -8.74 -3.47 -18.45
CA ASP B 61 -8.66 -3.39 -18.45
C ASP B 61 -8.74 -2.65 -17.15
C ASP B 61 -8.81 -2.63 -17.13
N SER B 62 -8.75 -3.34 -15.99
CA SER B 62 -8.79 -2.70 -14.68
C SER B 62 -7.46 -1.99 -14.39
N PHE B 63 -6.33 -2.60 -14.78
CA PHE B 63 -5.02 -1.96 -14.58
C PHE B 63 -4.89 -0.75 -15.48
N GLN B 64 -5.44 -0.81 -16.69
CA GLN B 64 -5.43 0.33 -17.61
C GLN B 64 -6.27 1.48 -17.04
N GLN B 65 -7.43 1.13 -16.48
CA GLN B 65 -8.33 2.14 -15.95
C GLN B 65 -7.94 2.76 -14.61
N VAL B 66 -7.33 1.99 -13.71
CA VAL B 66 -6.94 2.52 -12.41
C VAL B 66 -6.01 3.78 -12.56
N VAL B 67 -5.18 3.79 -13.63
CA VAL B 67 -4.28 4.88 -14.02
C VAL B 67 -5.04 6.19 -14.36
N LYS B 68 -6.25 6.07 -14.85
CA LYS B 68 -7.07 7.23 -15.23
C LYS B 68 -7.96 7.76 -14.11
N LEU B 69 -8.04 7.06 -12.96
CA LEU B 69 -8.96 7.42 -11.90
C LEU B 69 -8.41 8.29 -10.74
N LYS B 70 -7.24 8.91 -10.90
CA LYS B 70 -6.71 9.92 -9.94
C LYS B 70 -6.55 9.49 -8.45
N GLY B 71 -6.09 8.26 -8.19
CA GLY B 71 -5.93 7.80 -6.82
C GLY B 71 -7.18 7.22 -6.20
N GLN B 72 -8.32 7.22 -6.95
CA GLN B 72 -9.52 6.55 -6.50
C GLN B 72 -9.23 5.04 -6.51
N VAL B 73 -9.90 4.30 -5.62
CA VAL B 73 -9.74 2.88 -5.56
C VAL B 73 -10.57 2.24 -6.66
N LEU B 74 -9.99 1.24 -7.32
CA LEU B 74 -10.66 0.44 -8.31
C LEU B 74 -10.53 -0.98 -7.79
N SER B 75 -11.66 -1.65 -7.61
N SER B 75 -11.66 -1.68 -7.56
CA SER B 75 -11.63 -3.02 -7.14
CA SER B 75 -11.59 -3.05 -7.04
C SER B 75 -11.83 -3.95 -8.34
C SER B 75 -12.04 -4.06 -8.09
N VAL B 76 -11.30 -5.15 -8.22
CA VAL B 76 -11.51 -6.16 -9.22
C VAL B 76 -11.53 -7.54 -8.56
N MET B 77 -12.49 -8.36 -8.96
CA MET B 77 -12.57 -9.73 -8.48
C MET B 77 -12.10 -10.63 -9.61
N PHE B 78 -11.19 -11.57 -9.32
CA PHE B 78 -10.70 -12.48 -10.34
C PHE B 78 -10.18 -13.77 -9.67
N ARG B 79 -9.98 -14.80 -10.45
CA ARG B 79 -9.47 -16.08 -9.97
C ARG B 79 -7.98 -16.16 -10.16
N PHE B 80 -7.23 -16.34 -9.04
CA PHE B 80 -5.78 -16.39 -8.97
C PHE B 80 -5.35 -17.83 -8.73
N ARG B 81 -4.39 -18.33 -9.52
CA ARG B 81 -3.93 -19.72 -9.39
C ARG B 81 -2.92 -19.77 -8.28
N SER B 82 -3.31 -20.36 -7.13
CA SER B 82 -2.42 -20.46 -5.98
C SER B 82 -1.31 -21.48 -6.24
N LYS B 83 -0.31 -21.50 -5.34
CA LYS B 83 0.76 -22.48 -5.46
C LYS B 83 0.21 -23.91 -5.19
N ASN B 84 -0.89 -24.03 -4.41
CA ASN B 84 -1.54 -25.32 -4.15
C ASN B 84 -2.51 -25.74 -5.24
N GLN B 85 -2.36 -25.16 -6.47
CA GLN B 85 -3.12 -25.58 -7.63
C GLN B 85 -4.63 -25.44 -7.51
N GLU B 86 -5.08 -24.32 -6.98
CA GLU B 86 -6.49 -24.05 -6.83
C GLU B 86 -6.75 -22.63 -7.38
N TRP B 87 -7.95 -22.40 -7.94
CA TRP B 87 -8.31 -21.07 -8.41
C TRP B 87 -8.92 -20.38 -7.22
N LEU B 88 -8.25 -19.39 -6.64
CA LEU B 88 -8.78 -18.67 -5.50
C LEU B 88 -9.44 -17.38 -5.96
N TRP B 89 -10.62 -17.08 -5.40
CA TRP B 89 -11.28 -15.83 -5.69
C TRP B 89 -10.59 -14.75 -4.93
N MET B 90 -10.10 -13.75 -5.64
CA MET B 90 -9.37 -12.68 -5.02
C MET B 90 -10.06 -11.42 -5.31
N ARG B 91 -10.10 -10.51 -4.33
N ARG B 91 -10.12 -10.54 -4.31
CA ARG B 91 -10.60 -9.17 -4.52
CA ARG B 91 -10.55 -9.19 -4.53
C ARG B 91 -9.40 -8.25 -4.37
C ARG B 91 -9.28 -8.36 -4.42
N THR B 92 -8.94 -7.64 -5.48
CA THR B 92 -7.77 -6.77 -5.48
C THR B 92 -8.30 -5.34 -5.52
N SER B 93 -8.02 -4.53 -4.48
CA SER B 93 -8.37 -3.11 -4.43
C SER B 93 -7.09 -2.37 -4.79
N SER B 94 -7.11 -1.64 -5.93
N SER B 94 -7.11 -1.64 -5.92
CA SER B 94 -5.95 -0.93 -6.44
CA SER B 94 -5.94 -0.95 -6.43
C SER B 94 -6.14 0.59 -6.56
C SER B 94 -6.14 0.57 -6.54
N PHE B 95 -5.05 1.32 -6.49
CA PHE B 95 -5.07 2.78 -6.67
C PHE B 95 -3.65 3.17 -7.16
N THR B 96 -3.54 4.21 -8.00
CA THR B 96 -2.21 4.63 -8.45
C THR B 96 -1.60 5.54 -7.40
N PHE B 97 -0.27 5.57 -7.33
CA PHE B 97 0.46 6.50 -6.51
C PHE B 97 1.54 7.07 -7.36
N GLN B 98 1.65 8.38 -7.30
N GLN B 98 1.65 8.39 -7.34
CA GLN B 98 2.66 9.12 -8.01
CA GLN B 98 2.71 9.12 -7.99
C GLN B 98 3.15 10.17 -6.98
C GLN B 98 3.15 10.15 -6.97
N ASN B 99 4.45 10.18 -6.63
CA ASN B 99 4.98 11.16 -5.67
C ASN B 99 4.84 12.56 -6.28
N PRO B 100 3.98 13.40 -5.65
CA PRO B 100 3.71 14.72 -6.20
C PRO B 100 4.95 15.62 -6.32
N TYR B 101 6.04 15.32 -5.59
CA TYR B 101 7.29 16.11 -5.73
C TYR B 101 8.12 15.73 -6.99
N SER B 102 7.62 14.76 -7.75
CA SER B 102 8.28 14.20 -8.91
C SER B 102 7.33 14.01 -10.09
N ASP B 103 7.90 13.76 -11.25
CA ASP B 103 7.11 13.39 -12.42
C ASP B 103 7.45 11.95 -12.85
N GLU B 104 7.80 11.07 -11.90
CA GLU B 104 8.07 9.66 -12.23
C GLU B 104 6.75 8.98 -12.58
N ILE B 105 6.80 7.95 -13.46
CA ILE B 105 5.59 7.25 -13.88
C ILE B 105 4.88 6.65 -12.66
N GLU B 106 3.54 6.73 -12.62
CA GLU B 106 2.81 6.21 -11.48
C GLU B 106 2.95 4.70 -11.40
N TYR B 107 2.86 4.19 -10.19
CA TYR B 107 2.80 2.77 -10.00
C TYR B 107 1.50 2.42 -9.29
N ILE B 108 1.15 1.15 -9.32
CA ILE B 108 -0.13 0.73 -8.78
C ILE B 108 0.07 0.03 -7.48
N ILE B 109 -0.71 0.39 -6.48
N ILE B 109 -0.71 0.37 -6.46
CA ILE B 109 -0.65 -0.25 -5.18
CA ILE B 109 -0.60 -0.28 -5.16
C ILE B 109 -1.89 -1.15 -5.08
C ILE B 109 -1.87 -1.09 -4.93
N CYS B 110 -1.71 -2.39 -4.65
CA CYS B 110 -2.82 -3.30 -4.49
C CYS B 110 -2.86 -3.90 -3.11
N THR B 111 -4.06 -4.18 -2.63
N THR B 111 -4.05 -4.16 -2.61
CA THR B 111 -4.36 -4.94 -1.43
CA THR B 111 -4.25 -4.99 -1.44
C THR B 111 -5.13 -6.14 -1.98
C THR B 111 -5.09 -6.15 -1.99
N ASN B 112 -4.62 -7.37 -1.80
CA ASN B 112 -5.22 -8.57 -2.38
C ASN B 112 -5.74 -9.49 -1.30
N THR B 113 -7.05 -9.77 -1.30
CA THR B 113 -7.71 -10.57 -0.29
C THR B 113 -8.41 -11.77 -0.91
N ASN B 114 -8.33 -12.94 -0.29
CA ASN B 114 -9.06 -14.11 -0.78
C ASN B 114 -10.50 -13.94 -0.27
N VAL B 115 -11.47 -13.81 -1.18
CA VAL B 115 -12.87 -13.60 -0.80
C VAL B 115 -13.77 -14.73 -1.36
N LYS B 116 -15.03 -14.78 -0.88
CA LYS B 116 -16.03 -15.72 -1.34
C LYS B 116 -16.77 -15.19 -2.57
N ASN B 117 -17.01 -16.06 -3.54
CA ASN B 117 -17.90 -15.74 -4.65
C ASN B 117 -19.26 -16.34 -4.22
N SER B 118 -20.00 -15.64 -3.37
CA SER B 118 -21.30 -16.10 -2.90
C SER B 118 -22.16 -14.89 -2.49
#